data_2ZGB
#
_entry.id   2ZGB
#
_cell.length_a   69.76
_cell.length_b   71.37
_cell.length_c   72.57
_cell.angle_alpha   90.00
_cell.angle_beta   100.28
_cell.angle_gamma   90.00
#
_symmetry.space_group_name_H-M   'C 1 2 1'
#
loop_
_entity.id
_entity.type
_entity.pdbx_description
1 polymer 'Thrombin light chain'
2 polymer 'Thrombin heavy chain'
3 polymer 'Hirudin variant-1'
4 non-polymer 'SODIUM ION'
5 non-polymer D-leucyl-N-(3-chlorobenzyl)-L-prolinamide
6 water water
#
loop_
_entity_poly.entity_id
_entity_poly.type
_entity_poly.pdbx_seq_one_letter_code
_entity_poly.pdbx_strand_id
1 'polypeptide(L)' TFGSGEADCGLRPLFEKKSLEDKTERELLESYIDGR L
2 'polypeptide(L)'
;IVEGSDAEIGMSPWQVMLFRKSPQELLCGASLISDRWVLTAAHCLLYPPWDKNFTENDLLVRIGKHSRTRYERNIEKISM
LEKIYIHPRYNWRENLDRDIALMKLKKPVAFSDYIHPVCLPDRETAASLLQAGYKGRVTGWGNLKETWTANVGKGQPSVL
QVVNLPIVERPVCKDSTRIRITDNMFCAGYKPDEGKRGDACEGDSGGPFVMKSPFNNRWYQMGIVSWGEGCDRDGKYGFY
THVFRLKKWIQKVIDQFGE
;
H
3 'polypeptide(L)' GDFEEIPEE(TYS)L I
#
# COMPACT_ATOMS: atom_id res chain seq x y z
N ALA A 7 4.10 -1.39 -19.31
CA ALA A 7 5.54 -1.29 -19.54
C ALA A 7 6.01 0.11 -19.14
N ASP A 8 5.03 0.91 -18.71
CA ASP A 8 5.17 2.27 -18.26
C ASP A 8 5.00 2.42 -16.75
N CYS A 9 4.90 1.23 -16.13
CA CYS A 9 4.64 1.28 -14.68
C CYS A 9 5.70 2.05 -13.93
N GLY A 10 5.32 2.62 -12.79
CA GLY A 10 6.21 3.19 -11.83
C GLY A 10 6.85 4.50 -12.22
N LEU A 11 6.45 5.08 -13.35
CA LEU A 11 6.91 6.39 -13.80
C LEU A 11 5.78 7.39 -13.64
N ARG A 12 5.90 8.32 -12.71
CA ARG A 12 4.72 9.15 -12.38
C ARG A 12 4.60 10.30 -13.37
N PRO A 13 3.44 10.56 -13.93
CA PRO A 13 3.24 11.68 -14.85
C PRO A 13 3.75 13.02 -14.36
N LEU A 14 3.62 13.33 -13.07
CA LEU A 14 3.95 14.64 -12.55
CA LEU A 14 3.97 14.66 -12.57
C LEU A 14 5.37 14.71 -11.99
N PHE A 15 6.09 13.58 -12.05
CA PHE A 15 7.45 13.57 -11.48
C PHE A 15 8.40 12.93 -12.47
N GLU A 16 8.68 11.62 -12.46
CA GLU A 16 9.60 11.06 -13.44
C GLU A 16 9.27 11.40 -14.89
N LYS A 17 8.02 11.43 -15.35
CA LYS A 17 7.73 11.72 -16.74
C LYS A 17 8.16 13.15 -17.11
N LYS A 18 8.28 14.04 -16.15
CA LYS A 18 8.65 15.42 -16.31
C LYS A 18 10.06 15.71 -15.82
N SER A 19 10.79 14.68 -15.38
CA SER A 19 12.06 14.91 -14.71
C SER A 19 11.94 15.90 -13.56
N LEU A 20 10.86 15.79 -12.79
CA LEU A 20 10.70 16.53 -11.55
C LEU A 20 10.83 15.58 -10.37
N GLU A 21 11.53 15.98 -9.31
CA GLU A 21 11.64 15.06 -8.18
C GLU A 21 10.72 15.51 -7.05
N ASP A 22 10.22 14.51 -6.30
CA ASP A 22 9.35 14.93 -5.18
C ASP A 22 10.22 15.33 -3.99
N LYS A 23 9.60 15.87 -2.93
CA LYS A 23 10.43 16.48 -1.88
C LYS A 23 11.23 15.52 -1.04
N THR A 24 10.93 14.23 -0.96
CA THR A 24 11.71 13.39 -0.05
C THR A 24 12.26 12.15 -0.77
N GLU A 25 12.08 12.00 -2.10
CA GLU A 25 12.62 10.77 -2.71
C GLU A 25 14.12 10.69 -2.58
N ARG A 26 14.83 11.83 -2.44
CA ARG A 26 16.26 11.72 -2.26
C ARG A 26 16.64 10.99 -0.98
N GLU A 27 15.84 11.05 0.09
CA GLU A 27 16.00 10.28 1.30
C GLU A 27 16.06 8.77 1.03
N LEU A 28 15.15 8.31 0.14
CA LEU A 28 15.25 6.90 -0.25
C LEU A 28 16.55 6.61 -0.99
N LEU A 29 16.91 7.43 -2.00
CA LEU A 29 18.14 7.12 -2.74
C LEU A 29 19.36 7.07 -1.81
N GLU A 30 19.42 8.05 -0.90
CA GLU A 30 20.60 8.07 -0.02
C GLU A 30 20.72 6.85 0.87
N SER A 31 19.62 6.16 1.15
CA SER A 31 19.66 4.96 1.98
C SER A 31 20.09 3.74 1.20
N TYR A 32 20.14 3.83 -0.12
CA TYR A 32 20.51 2.68 -0.95
C TYR A 32 22.01 2.61 -1.15
N ILE A 33 22.70 2.23 -0.07
CA ILE A 33 24.16 2.34 -0.03
C ILE A 33 24.89 1.10 -0.49
N ILE B 1 -1.47 7.01 8.82
CA ILE B 1 -0.03 7.22 8.93
C ILE B 1 0.32 8.10 10.11
N VAL B 2 1.21 7.66 10.99
CA VAL B 2 1.63 8.45 12.16
C VAL B 2 2.97 9.10 11.88
N GLU B 3 3.00 10.41 12.11
CA GLU B 3 4.19 11.21 11.93
C GLU B 3 4.66 11.24 10.48
N GLY B 4 3.72 11.22 9.54
CA GLY B 4 4.10 11.40 8.13
C GLY B 4 3.93 12.86 7.72
N SER B 5 3.76 13.10 6.42
CA SER B 5 3.51 14.44 5.87
C SER B 5 2.42 14.37 4.83
N ASP B 6 1.85 15.54 4.48
CA ASP B 6 0.89 15.54 3.40
C ASP B 6 1.59 15.14 2.10
N ALA B 7 0.92 14.29 1.34
CA ALA B 7 1.43 13.98 0.02
C ALA B 7 1.45 15.19 -0.90
N GLU B 8 2.39 15.22 -1.83
CA GLU B 8 2.33 16.15 -2.95
C GLU B 8 1.29 15.68 -3.96
N ILE B 9 0.71 16.58 -4.77
CA ILE B 9 -0.24 16.12 -5.77
C ILE B 9 0.42 15.18 -6.76
N GLY B 10 -0.19 14.05 -7.07
CA GLY B 10 0.38 13.10 -7.99
C GLY B 10 1.58 12.32 -7.49
N MET B 11 1.89 12.42 -6.20
CA MET B 11 3.08 11.75 -5.65
C MET B 11 2.99 10.21 -5.62
N SER B 12 1.75 9.74 -5.52
CA SER B 12 1.49 8.30 -5.37
C SER B 12 0.34 7.93 -6.27
N PRO B 13 0.44 7.99 -7.59
CA PRO B 13 -0.74 7.90 -8.47
C PRO B 13 -1.29 6.49 -8.59
N TRP B 14 -0.59 5.53 -7.97
CA TRP B 14 -1.10 4.16 -7.84
C TRP B 14 -1.93 3.98 -6.57
N GLN B 15 -2.02 4.98 -5.74
CA GLN B 15 -2.74 4.83 -4.48
C GLN B 15 -4.23 4.61 -4.67
N VAL B 16 -4.81 3.62 -3.98
CA VAL B 16 -6.24 3.29 -4.15
C VAL B 16 -6.91 3.36 -2.78
N MET B 17 -8.14 3.89 -2.76
CA MET B 17 -8.91 3.86 -1.51
C MET B 17 -9.97 2.78 -1.63
N LEU B 18 -10.01 1.83 -0.70
CA LEU B 18 -11.11 0.86 -0.60
C LEU B 18 -12.23 1.56 0.19
N PHE B 19 -13.41 1.59 -0.42
CA PHE B 19 -14.51 2.39 0.15
C PHE B 19 -15.79 1.58 0.34
N ARG B 20 -16.31 1.62 1.57
CA ARG B 20 -17.55 0.92 1.92
C ARG B 20 -18.75 1.64 1.30
N LYS B 21 -19.66 0.90 0.68
CA LYS B 21 -20.80 1.53 0.00
C LYS B 21 -21.87 2.09 0.95
N SER B 22 -22.03 1.47 2.10
CA SER B 22 -23.09 1.79 3.06
C SER B 22 -22.79 1.14 4.40
N PRO B 23 -22.44 1.86 5.46
CA PRO B 23 -22.23 3.31 5.44
C PRO B 23 -20.96 3.68 4.69
N GLN B 24 -21.06 4.78 3.94
CA GLN B 24 -19.90 5.15 3.12
C GLN B 24 -18.77 5.55 4.05
N GLU B 25 -17.68 4.79 3.97
CA GLU B 25 -16.52 5.01 4.81
C GLU B 25 -15.26 4.37 4.19
N LEU B 26 -14.12 4.82 4.70
CA LEU B 26 -12.86 4.23 4.23
C LEU B 26 -12.75 2.82 4.77
N LEU B 27 -12.40 1.86 3.94
CA LEU B 27 -12.16 0.54 4.54
C LEU B 27 -10.68 0.27 4.66
N CYS B 28 -9.90 0.72 3.67
CA CYS B 28 -8.51 0.28 3.57
C CYS B 28 -7.79 1.05 2.46
N GLY B 29 -6.47 0.87 2.45
CA GLY B 29 -5.71 1.32 1.26
C GLY B 29 -5.54 0.16 0.30
N ALA B 30 -4.90 0.45 -0.84
CA ALA B 30 -4.77 -0.53 -1.91
C ALA B 30 -3.90 0.12 -2.99
N SER B 31 -3.54 -0.61 -4.04
CA SER B 31 -2.65 -0.01 -5.03
C SER B 31 -3.06 -0.46 -6.42
N LEU B 32 -2.87 0.38 -7.42
CA LEU B 32 -3.15 0.04 -8.80
C LEU B 32 -1.98 -0.61 -9.51
N ILE B 33 -2.20 -1.81 -10.05
CA ILE B 33 -1.05 -2.48 -10.67
C ILE B 33 -1.23 -2.66 -12.18
N SER B 34 -2.42 -2.34 -12.66
CA SER B 34 -2.65 -2.33 -14.11
C SER B 34 -3.96 -1.60 -14.34
N ASP B 35 -4.44 -1.45 -15.59
CA ASP B 35 -5.68 -0.69 -15.70
C ASP B 35 -6.90 -1.48 -15.24
N ARG B 36 -6.73 -2.77 -14.89
CA ARG B 36 -7.87 -3.47 -14.30
C ARG B 36 -7.57 -4.28 -13.05
N TRP B 37 -6.37 -4.23 -12.47
CA TRP B 37 -6.10 -4.99 -11.24
C TRP B 37 -5.68 -4.08 -10.09
N VAL B 38 -6.19 -4.35 -8.90
CA VAL B 38 -5.87 -3.61 -7.69
C VAL B 38 -5.36 -4.61 -6.65
N LEU B 39 -4.27 -4.27 -5.99
CA LEU B 39 -3.65 -5.14 -4.98
C LEU B 39 -3.97 -4.60 -3.60
N THR B 40 -4.29 -5.49 -2.64
CA THR B 40 -4.53 -5.04 -1.28
C THR B 40 -4.15 -6.16 -0.27
N ALA B 41 -4.46 -5.92 0.98
CA ALA B 41 -4.26 -6.89 2.07
C ALA B 41 -5.49 -7.81 2.15
N ALA B 42 -5.25 -9.12 2.27
CA ALA B 42 -6.42 -10.01 2.46
C ALA B 42 -7.26 -9.56 3.65
N HIS B 43 -6.63 -9.07 4.72
CA HIS B 43 -7.36 -8.79 5.95
C HIS B 43 -8.31 -7.61 5.75
N CYS B 44 -8.14 -6.87 4.66
CA CYS B 44 -9.07 -5.83 4.30
C CYS B 44 -10.41 -6.39 3.88
N LEU B 45 -10.41 -7.61 3.35
CA LEU B 45 -11.62 -8.22 2.82
C LEU B 45 -12.14 -9.32 3.72
N LEU B 46 -11.21 -10.00 4.39
CA LEU B 46 -11.63 -11.18 5.17
C LEU B 46 -10.93 -11.21 6.50
N TYR B 47 -11.62 -11.03 7.61
CA TYR B 47 -10.97 -11.10 8.92
C TYR B 47 -12.04 -11.49 9.95
N PRO B 48 -12.27 -12.81 9.99
CA PRO B 48 -13.33 -13.34 10.87
C PRO B 48 -13.24 -12.95 12.31
N PRO B 49 -12.13 -12.75 13.00
CA PRO B 49 -12.17 -12.26 14.37
C PRO B 49 -12.93 -10.96 14.52
N TRP B 50 -13.04 -10.18 13.44
CA TRP B 50 -13.75 -8.91 13.57
C TRP B 50 -15.05 -8.95 12.76
N ASP B 51 -15.47 -10.14 12.40
CA ASP B 51 -16.62 -10.42 11.58
C ASP B 51 -16.52 -9.64 10.27
N LYS B 52 -15.31 -9.61 9.71
CA LYS B 52 -15.19 -8.97 8.40
C LYS B 52 -15.15 -10.01 7.29
N ASN B 53 -16.02 -9.88 6.30
CA ASN B 53 -16.08 -10.73 5.12
C ASN B 53 -16.82 -10.00 4.02
N PHE B 54 -16.11 -9.18 3.23
CA PHE B 54 -16.79 -8.40 2.22
C PHE B 54 -16.92 -9.16 0.92
N THR B 55 -17.99 -8.86 0.20
CA THR B 55 -18.15 -9.33 -1.16
C THR B 55 -17.96 -8.12 -2.09
N GLU B 56 -17.85 -8.44 -3.36
CA GLU B 56 -17.62 -7.49 -4.43
C GLU B 56 -18.59 -6.32 -4.27
N ASN B 57 -19.87 -6.70 -4.19
CA ASN B 57 -20.90 -5.67 -4.23
C ASN B 57 -20.93 -4.78 -3.01
N ASP B 58 -20.17 -5.07 -1.95
CA ASP B 58 -20.11 -4.29 -0.74
C ASP B 58 -19.19 -3.08 -0.93
N LEU B 59 -18.48 -3.08 -2.05
CA LEU B 59 -17.35 -2.20 -2.17
C LEU B 59 -17.23 -1.43 -3.47
N LEU B 60 -16.46 -0.33 -3.32
CA LEU B 60 -15.94 0.42 -4.44
C LEU B 60 -14.43 0.71 -4.28
N VAL B 61 -13.84 0.92 -5.45
CA VAL B 61 -12.45 1.39 -5.51
C VAL B 61 -12.45 2.85 -5.99
N ARG B 62 -11.76 3.70 -5.23
CA ARG B 62 -11.60 5.10 -5.64
C ARG B 62 -10.13 5.41 -5.96
N ILE B 63 -9.88 5.80 -7.21
CA ILE B 63 -8.50 5.91 -7.69
C ILE B 63 -8.22 7.36 -8.07
N GLY B 64 -6.99 7.80 -7.91
CA GLY B 64 -6.60 9.17 -8.19
C GLY B 64 -6.87 10.14 -7.07
N LYS B 65 -7.16 9.67 -5.84
CA LYS B 65 -7.51 10.58 -4.79
C LYS B 65 -6.32 11.21 -4.08
N HIS B 66 -6.65 12.32 -3.45
CA HIS B 66 -5.81 13.10 -2.58
C HIS B 66 -6.53 13.42 -1.28
N SER B 67 -7.59 14.21 -1.36
CA SER B 67 -8.43 14.37 -0.18
C SER B 67 -9.01 13.05 0.35
N ARG B 68 -9.08 12.87 1.66
CA ARG B 68 -9.72 11.67 2.24
C ARG B 68 -11.22 11.69 2.00
N THR B 69 -11.87 12.75 2.49
CA THR B 69 -13.32 12.77 2.60
C THR B 69 -14.02 13.42 1.41
N ARG B 70 -13.28 14.25 0.68
CA ARG B 70 -13.91 15.01 -0.40
C ARG B 70 -14.16 14.18 -1.63
N TYR B 71 -15.27 14.43 -2.32
CA TYR B 71 -15.44 13.85 -3.64
C TYR B 71 -14.68 14.73 -4.64
N GLU B 72 -13.64 14.17 -5.24
CA GLU B 72 -12.69 14.99 -6.03
C GLU B 72 -13.04 14.92 -7.49
N ARG B 73 -14.07 15.72 -7.79
CA ARG B 73 -14.66 15.79 -9.11
C ARG B 73 -13.66 16.10 -10.24
N ASN B 74 -13.73 15.35 -11.32
CA ASN B 74 -12.89 15.50 -12.49
C ASN B 74 -11.45 15.00 -12.31
N ILE B 75 -11.22 14.29 -11.23
CA ILE B 75 -9.88 13.81 -10.91
C ILE B 75 -9.91 12.36 -10.47
N GLU B 76 -10.65 12.09 -9.38
CA GLU B 76 -10.75 10.68 -8.98
C GLU B 76 -11.66 9.93 -9.93
N LYS B 77 -11.45 8.61 -9.96
CA LYS B 77 -12.35 7.75 -10.69
C LYS B 77 -12.82 6.67 -9.72
N ILE B 78 -14.08 6.28 -9.83
CA ILE B 78 -14.69 5.33 -8.89
C ILE B 78 -15.06 4.07 -9.61
N SER B 79 -14.54 2.92 -9.17
CA SER B 79 -14.68 1.71 -9.92
C SER B 79 -15.37 0.60 -9.12
N MET B 80 -16.08 -0.25 -9.84
CA MET B 80 -16.77 -1.40 -9.25
C MET B 80 -15.92 -2.65 -9.38
N LEU B 81 -16.07 -3.53 -8.37
CA LEU B 81 -15.31 -4.77 -8.47
C LEU B 81 -16.05 -5.84 -9.27
N GLU B 82 -15.26 -6.51 -10.09
CA GLU B 82 -15.74 -7.68 -10.82
C GLU B 82 -15.55 -8.92 -9.95
N LYS B 83 -14.35 -9.08 -9.37
CA LYS B 83 -14.09 -10.27 -8.59
C LYS B 83 -12.99 -10.01 -7.55
N ILE B 84 -13.10 -10.59 -6.38
CA ILE B 84 -12.04 -10.57 -5.36
C ILE B 84 -11.32 -11.89 -5.34
N TYR B 85 -9.98 -11.90 -5.26
CA TYR B 85 -9.21 -13.13 -5.12
C TYR B 85 -8.31 -13.01 -3.88
N ILE B 86 -8.56 -13.86 -2.88
CA ILE B 86 -7.74 -13.89 -1.66
C ILE B 86 -6.76 -15.05 -1.76
N HIS B 87 -5.52 -14.87 -1.33
CA HIS B 87 -4.56 -15.94 -1.25
C HIS B 87 -5.15 -17.19 -0.54
N PRO B 88 -5.05 -18.34 -1.17
CA PRO B 88 -5.65 -19.56 -0.59
C PRO B 88 -5.05 -19.99 0.73
N ARG B 89 -3.84 -19.56 1.06
CA ARG B 89 -3.16 -19.90 2.31
C ARG B 89 -2.95 -18.69 3.20
N TYR B 90 -3.75 -17.64 3.00
CA TYR B 90 -3.84 -16.54 3.95
C TYR B 90 -4.19 -17.01 5.35
N ASN B 91 -3.31 -16.73 6.31
CA ASN B 91 -3.45 -17.11 7.71
C ASN B 91 -4.06 -16.02 8.58
N TRP B 92 -5.39 -15.88 8.56
CA TRP B 92 -6.04 -14.91 9.45
C TRP B 92 -6.12 -15.38 10.91
N ARG B 93 -5.88 -16.68 11.11
CA ARG B 93 -6.10 -17.22 12.46
C ARG B 93 -4.99 -16.82 13.41
N GLU B 94 -3.81 -16.68 12.82
CA GLU B 94 -2.61 -16.49 13.64
C GLU B 94 -1.85 -15.20 13.41
N ASN B 95 -1.11 -15.13 12.29
CA ASN B 95 -0.20 -13.98 12.13
C ASN B 95 -0.37 -13.24 10.81
N LEU B 96 -1.46 -13.40 10.11
CA LEU B 96 -1.74 -12.78 8.81
C LEU B 96 -0.68 -13.16 7.78
N ASP B 97 -0.11 -14.37 7.91
CA ASP B 97 0.79 -14.86 6.86
C ASP B 97 0.12 -14.85 5.51
N ARG B 98 0.82 -14.42 4.45
CA ARG B 98 0.31 -14.32 3.10
C ARG B 98 -0.88 -13.37 3.04
N ASP B 99 -0.72 -12.20 3.63
CA ASP B 99 -1.80 -11.21 3.71
C ASP B 99 -1.93 -10.43 2.40
N ILE B 100 -2.57 -11.08 1.43
CA ILE B 100 -2.58 -10.46 0.09
C ILE B 100 -3.84 -10.80 -0.66
N ALA B 101 -4.36 -9.87 -1.48
CA ALA B 101 -5.57 -10.16 -2.23
C ALA B 101 -5.49 -9.33 -3.50
N LEU B 102 -6.08 -9.81 -4.56
CA LEU B 102 -6.29 -9.07 -5.80
C LEU B 102 -7.76 -8.73 -6.01
N MET B 103 -8.01 -7.55 -6.59
CA MET B 103 -9.38 -7.19 -6.98
C MET B 103 -9.37 -6.86 -8.48
N LYS B 104 -10.22 -7.52 -9.25
CA LYS B 104 -10.42 -7.21 -10.66
C LYS B 104 -11.53 -6.19 -10.83
N LEU B 105 -11.33 -5.14 -11.60
CA LEU B 105 -12.30 -4.09 -11.86
C LEU B 105 -13.27 -4.45 -12.99
N LYS B 106 -14.52 -4.02 -12.83
CA LYS B 106 -15.52 -4.24 -13.87
C LYS B 106 -15.01 -3.77 -15.23
N LYS B 107 -14.52 -2.54 -15.23
CA LYS B 107 -14.06 -1.83 -16.40
C LYS B 107 -12.68 -1.20 -16.14
N PRO B 108 -11.87 -1.14 -17.18
CA PRO B 108 -10.52 -0.55 -17.05
C PRO B 108 -10.61 0.91 -16.65
N VAL B 109 -9.65 1.34 -15.82
CA VAL B 109 -9.56 2.75 -15.48
C VAL B 109 -8.61 3.47 -16.44
N ALA B 110 -9.02 4.68 -16.79
CA ALA B 110 -8.26 5.55 -17.66
C ALA B 110 -7.08 6.13 -16.89
N PHE B 111 -5.88 5.98 -17.43
CA PHE B 111 -4.76 6.62 -16.70
C PHE B 111 -4.83 8.13 -16.91
N SER B 112 -4.21 8.86 -16.00
CA SER B 112 -4.17 10.31 -16.07
C SER B 112 -2.96 10.82 -15.30
N ASP B 113 -2.89 12.11 -15.08
CA ASP B 113 -1.81 12.66 -14.27
C ASP B 113 -1.83 12.12 -12.85
N TYR B 114 -2.99 11.67 -12.39
CA TYR B 114 -3.19 11.36 -10.98
C TYR B 114 -3.45 9.84 -10.76
N ILE B 115 -3.52 9.10 -11.85
CA ILE B 115 -3.83 7.67 -11.90
C ILE B 115 -2.85 6.95 -12.80
N HIS B 116 -2.02 6.08 -12.19
CA HIS B 116 -0.95 5.45 -12.95
C HIS B 116 -0.44 4.23 -12.18
N PRO B 117 -0.16 3.11 -12.78
CA PRO B 117 0.23 1.94 -11.98
C PRO B 117 1.65 1.93 -11.49
N VAL B 118 1.82 1.27 -10.35
CA VAL B 118 3.14 1.00 -9.79
C VAL B 118 3.69 -0.32 -10.34
N CYS B 119 5.01 -0.49 -10.33
CA CYS B 119 5.55 -1.78 -10.78
C CYS B 119 5.57 -2.84 -9.67
N LEU B 120 5.50 -4.10 -10.11
CA LEU B 120 5.76 -5.16 -9.11
C LEU B 120 7.17 -5.65 -9.29
N PRO B 121 7.89 -5.98 -8.21
CA PRO B 121 9.29 -6.34 -8.31
C PRO B 121 9.55 -7.66 -9.01
N ASP B 122 10.64 -7.70 -9.77
CA ASP B 122 11.20 -8.96 -10.20
C ASP B 122 12.20 -9.41 -9.14
N ARG B 123 12.66 -10.66 -9.26
CA ARG B 123 13.58 -11.18 -8.25
C ARG B 123 14.82 -10.32 -8.10
N GLU B 124 15.34 -9.73 -9.18
CA GLU B 124 16.62 -9.01 -8.97
C GLU B 124 16.42 -7.67 -8.30
N THR B 125 15.34 -6.97 -8.62
CA THR B 125 15.08 -5.72 -7.86
C THR B 125 14.84 -6.01 -6.38
N ALA B 126 14.09 -7.07 -6.08
CA ALA B 126 13.79 -7.48 -4.71
C ALA B 126 15.07 -7.75 -3.96
N ALA B 127 15.94 -8.54 -4.61
CA ALA B 127 17.20 -8.83 -3.93
C ALA B 127 18.03 -7.58 -3.73
N SER B 128 18.04 -6.63 -4.67
CA SER B 128 18.86 -5.45 -4.49
C SER B 128 18.35 -4.52 -3.40
N LEU B 129 17.02 -4.39 -3.36
CA LEU B 129 16.45 -3.35 -2.51
C LEU B 129 15.94 -3.77 -1.15
N LEU B 130 15.61 -5.04 -1.03
CA LEU B 130 15.10 -5.45 0.28
C LEU B 130 16.22 -5.77 1.27
N GLN B 131 16.85 -4.73 1.77
CA GLN B 131 18.03 -4.80 2.63
C GLN B 131 17.82 -3.91 3.85
N ALA B 132 18.20 -4.43 5.01
CA ALA B 132 18.13 -3.63 6.23
C ALA B 132 18.76 -2.26 6.01
N GLY B 133 18.10 -1.20 6.44
CA GLY B 133 18.52 0.16 6.32
C GLY B 133 18.01 0.83 5.07
N TYR B 134 17.68 0.06 4.03
CA TYR B 134 17.15 0.72 2.81
C TYR B 134 15.77 1.24 3.14
N LYS B 135 15.44 2.45 2.70
CA LYS B 135 14.11 2.96 3.04
C LYS B 135 13.10 2.80 1.92
N GLY B 136 11.85 2.52 2.32
CA GLY B 136 10.69 2.58 1.46
C GLY B 136 9.71 3.65 1.93
N ARG B 137 8.60 3.72 1.22
CA ARG B 137 7.60 4.77 1.42
C ARG B 137 6.22 4.16 1.60
N VAL B 138 5.49 4.62 2.63
CA VAL B 138 4.16 4.08 2.89
C VAL B 138 3.16 5.22 2.82
N THR B 139 1.98 5.00 2.24
CA THR B 139 1.04 6.07 2.02
C THR B 139 -0.34 5.60 2.45
N GLY B 140 -1.18 6.54 2.94
CA GLY B 140 -2.49 6.09 3.39
C GLY B 140 -3.32 7.22 4.00
N TRP B 141 -4.62 6.93 4.18
CA TRP B 141 -5.55 7.88 4.79
C TRP B 141 -5.95 7.41 6.17
N GLY B 142 -5.17 6.53 6.78
CA GLY B 142 -5.59 6.03 8.10
C GLY B 142 -5.25 6.96 9.24
N ASN B 143 -5.51 6.47 10.48
CA ASN B 143 -5.24 7.29 11.66
C ASN B 143 -3.87 7.93 11.74
N LEU B 144 -3.92 9.19 12.18
CA LEU B 144 -2.70 9.93 12.46
C LEU B 144 -2.07 9.52 13.78
N LYS B 145 -2.82 8.79 14.60
CA LYS B 145 -2.31 8.41 15.92
C LYS B 145 -3.02 7.14 16.40
N GLU B 146 -2.37 6.41 17.30
CA GLU B 146 -2.92 5.19 17.85
C GLU B 146 -4.17 5.48 18.68
N GLN B 156 -8.16 11.82 11.96
CA GLN B 156 -7.86 11.34 10.61
C GLN B 156 -7.47 12.53 9.74
N PRO B 157 -6.64 12.31 8.75
CA PRO B 157 -6.08 13.43 7.95
C PRO B 157 -7.06 13.96 6.92
N SER B 158 -6.85 15.21 6.54
CA SER B 158 -7.58 15.82 5.45
C SER B 158 -7.14 15.26 4.09
N VAL B 159 -5.83 15.01 3.96
CA VAL B 159 -5.32 14.50 2.70
C VAL B 159 -4.38 13.30 2.92
N LEU B 160 -4.15 12.61 1.80
CA LEU B 160 -3.19 11.48 1.79
C LEU B 160 -1.91 11.80 2.50
N GLN B 161 -1.45 10.87 3.36
CA GLN B 161 -0.23 11.06 4.12
C GLN B 161 0.90 10.13 3.62
N VAL B 162 2.14 10.59 3.82
CA VAL B 162 3.30 9.83 3.31
C VAL B 162 4.33 9.69 4.40
N VAL B 163 5.01 8.56 4.51
CA VAL B 163 6.12 8.46 5.47
C VAL B 163 7.19 7.55 4.85
N ASN B 164 8.47 7.93 5.00
CA ASN B 164 9.58 7.10 4.55
C ASN B 164 10.19 6.34 5.72
N LEU B 165 10.35 5.02 5.59
CA LEU B 165 10.75 4.19 6.73
C LEU B 165 11.79 3.17 6.31
N PRO B 166 12.78 2.91 7.14
CA PRO B 166 13.81 1.92 6.80
C PRO B 166 13.42 0.49 7.10
N ILE B 167 13.82 -0.41 6.20
CA ILE B 167 13.63 -1.85 6.41
C ILE B 167 14.49 -2.27 7.61
N VAL B 168 13.95 -3.15 8.44
CA VAL B 168 14.67 -3.55 9.66
C VAL B 168 15.18 -4.96 9.55
N GLU B 169 16.33 -5.21 10.22
CA GLU B 169 16.93 -6.54 10.17
C GLU B 169 15.99 -7.60 10.74
N ARG B 170 15.93 -8.77 10.12
CA ARG B 170 14.98 -9.80 10.53
C ARG B 170 15.13 -10.18 12.00
N PRO B 171 16.29 -10.34 12.59
CA PRO B 171 16.37 -10.62 14.04
C PRO B 171 15.71 -9.56 14.89
N VAL B 172 15.87 -8.30 14.53
CA VAL B 172 15.28 -7.21 15.29
C VAL B 172 13.76 -7.22 15.15
N CYS B 173 13.25 -7.46 13.94
CA CYS B 173 11.83 -7.68 13.75
C CYS B 173 11.31 -8.78 14.68
N LYS B 174 11.96 -9.94 14.64
CA LYS B 174 11.55 -11.09 15.44
C LYS B 174 11.62 -10.77 16.93
N ASP B 175 12.68 -10.13 17.39
CA ASP B 175 12.81 -9.85 18.82
C ASP B 175 11.90 -8.73 19.29
N SER B 176 11.15 -8.07 18.40
CA SER B 176 10.25 -7.00 18.83
C SER B 176 8.87 -7.46 19.24
N THR B 177 8.55 -8.74 19.02
CA THR B 177 7.18 -9.20 19.13
C THR B 177 7.11 -10.64 19.60
N ARG B 178 5.95 -11.03 20.13
CA ARG B 178 5.70 -12.41 20.47
C ARG B 178 5.02 -13.12 19.31
N ILE B 179 4.58 -12.41 18.28
CA ILE B 179 3.97 -13.05 17.10
C ILE B 179 5.01 -13.78 16.28
N ARG B 180 4.66 -14.93 15.69
CA ARG B 180 5.57 -15.68 14.83
C ARG B 180 5.69 -15.01 13.46
N ILE B 181 6.91 -14.58 13.09
CA ILE B 181 6.97 -13.90 11.79
C ILE B 181 7.44 -14.88 10.74
N THR B 182 7.11 -14.65 9.47
CA THR B 182 7.43 -15.62 8.42
C THR B 182 8.29 -14.98 7.34
N ASP B 183 8.76 -15.77 6.39
CA ASP B 183 9.50 -15.23 5.26
C ASP B 183 8.58 -14.47 4.28
N ASN B 184 7.28 -14.49 4.53
CA ASN B 184 6.34 -13.75 3.68
C ASN B 184 6.04 -12.36 4.21
N MET B 185 6.83 -11.90 5.17
CA MET B 185 6.70 -10.60 5.80
C MET B 185 8.09 -9.99 5.99
N PHE B 186 8.07 -8.66 6.04
CA PHE B 186 9.27 -7.93 6.46
C PHE B 186 8.78 -6.78 7.34
N CYS B 187 9.66 -6.20 8.15
CA CYS B 187 9.19 -5.13 9.03
C CYS B 187 10.00 -3.87 8.73
N ALA B 188 9.42 -2.71 9.04
CA ALA B 188 10.11 -1.45 8.75
C ALA B 188 9.76 -0.43 9.85
N GLY B 189 10.60 0.59 10.01
CA GLY B 189 10.41 1.63 11.00
C GLY B 189 11.73 1.95 11.67
N TYR B 190 11.78 3.08 12.38
CA TYR B 190 13.01 3.43 13.09
C TYR B 190 13.12 2.76 14.46
N LYS B 191 14.34 2.63 14.96
CA LYS B 191 14.62 2.12 16.29
C LYS B 191 14.50 3.27 17.26
N PRO B 192 14.26 2.98 18.53
CA PRO B 192 14.18 4.04 19.54
C PRO B 192 15.36 4.99 19.48
N ASP B 193 16.56 4.44 19.33
CA ASP B 193 17.81 5.18 19.34
C ASP B 193 18.05 6.03 18.10
N GLU B 194 17.26 5.86 17.05
CA GLU B 194 17.45 6.55 15.78
C GLU B 194 16.86 7.95 15.78
N GLY B 195 15.95 8.22 16.72
CA GLY B 195 15.34 9.54 16.76
C GLY B 195 14.03 9.57 15.99
N LYS B 196 14.09 9.82 14.69
CA LYS B 196 13.00 9.83 13.75
C LYS B 196 11.96 8.75 14.07
N ARG B 197 10.71 9.00 13.69
CA ARG B 197 9.68 7.99 13.95
C ARG B 197 8.70 7.95 12.78
N GLY B 198 7.59 7.25 12.93
CA GLY B 198 6.64 7.06 11.86
C GLY B 198 6.22 5.61 11.72
N ASP B 199 4.99 5.44 11.25
CA ASP B 199 4.41 4.11 11.10
C ASP B 199 3.10 4.21 10.34
N ALA B 200 2.64 3.03 9.92
CA ALA B 200 1.27 2.90 9.46
C ALA B 200 0.33 2.76 10.66
N CYS B 201 -0.95 2.95 10.42
CA CYS B 201 -1.91 2.79 11.51
C CYS B 201 -3.22 2.33 10.93
N GLU B 202 -4.23 2.19 11.80
CA GLU B 202 -5.56 1.82 11.38
C GLU B 202 -6.05 2.65 10.19
N GLY B 203 -6.54 1.97 9.18
CA GLY B 203 -7.02 2.42 7.91
C GLY B 203 -5.93 2.46 6.84
N ASP B 204 -4.65 2.31 7.22
CA ASP B 204 -3.59 2.28 6.19
C ASP B 204 -3.42 0.86 5.63
N SER B 205 -3.97 -0.13 6.33
CA SER B 205 -4.04 -1.51 5.84
C SER B 205 -4.25 -1.64 4.35
N GLY B 206 -3.47 -2.49 3.69
CA GLY B 206 -3.65 -2.76 2.29
C GLY B 206 -2.91 -1.80 1.35
N GLY B 207 -2.42 -0.68 1.91
CA GLY B 207 -1.72 0.30 1.10
C GLY B 207 -0.30 -0.20 0.80
N PRO B 208 0.36 0.51 -0.12
CA PRO B 208 1.66 0.04 -0.61
C PRO B 208 2.85 0.59 0.18
N PHE B 209 3.88 -0.27 0.31
CA PHE B 209 5.24 0.09 0.69
C PHE B 209 6.03 0.12 -0.60
N VAL B 210 6.50 1.32 -1.02
CA VAL B 210 7.16 1.39 -2.32
C VAL B 210 8.62 1.84 -2.18
N MET B 211 9.40 1.47 -3.19
CA MET B 211 10.81 1.84 -3.26
C MET B 211 11.14 2.33 -4.66
N LYS B 212 11.98 3.35 -4.80
CA LYS B 212 12.36 3.78 -6.15
C LYS B 212 13.69 3.16 -6.54
N SER B 213 13.65 2.32 -7.56
CA SER B 213 14.87 1.61 -7.96
C SER B 213 15.88 2.64 -8.49
N PRO B 214 17.09 2.58 -7.99
CA PRO B 214 18.14 3.48 -8.49
C PRO B 214 18.73 2.97 -9.80
N PHE B 215 18.33 1.79 -10.22
CA PHE B 215 18.80 1.21 -11.47
C PHE B 215 17.99 1.69 -12.66
N ASN B 216 16.66 1.79 -12.54
CA ASN B 216 15.86 2.23 -13.70
C ASN B 216 14.91 3.40 -13.37
N ASN B 217 15.07 3.92 -12.16
CA ASN B 217 14.32 5.07 -11.68
C ASN B 217 12.81 4.86 -11.71
N ARG B 218 12.34 3.64 -11.52
CA ARG B 218 10.93 3.31 -11.46
C ARG B 218 10.51 2.92 -10.03
N TRP B 219 9.28 3.24 -9.70
CA TRP B 219 8.76 2.84 -8.39
C TRP B 219 8.22 1.42 -8.40
N TYR B 220 8.66 0.66 -7.41
CA TYR B 220 8.20 -0.71 -7.23
C TYR B 220 7.50 -0.94 -5.88
N GLN B 221 6.44 -1.76 -5.90
CA GLN B 221 5.76 -2.01 -4.63
C GLN B 221 6.35 -3.26 -4.02
N MET B 222 7.11 -3.08 -2.96
CA MET B 222 7.75 -4.22 -2.30
C MET B 222 6.88 -4.80 -1.19
N GLY B 223 5.97 -4.01 -0.63
CA GLY B 223 5.23 -4.53 0.53
C GLY B 223 3.80 -4.05 0.53
N ILE B 224 3.00 -4.73 1.39
CA ILE B 224 1.63 -4.27 1.60
C ILE B 224 1.47 -4.02 3.09
N VAL B 225 0.88 -2.89 3.49
CA VAL B 225 0.65 -2.65 4.90
C VAL B 225 -0.16 -3.79 5.52
N SER B 226 0.47 -4.47 6.51
CA SER B 226 -0.29 -5.64 7.00
C SER B 226 -0.63 -5.57 8.46
N TRP B 227 0.34 -5.52 9.38
CA TRP B 227 -0.03 -5.55 10.80
C TRP B 227 1.04 -4.91 11.66
N GLY B 228 0.60 -4.57 12.88
CA GLY B 228 1.47 -3.96 13.86
C GLY B 228 0.80 -4.10 15.23
N GLU B 229 1.58 -3.84 16.27
CA GLU B 229 0.96 -3.82 17.62
C GLU B 229 0.99 -2.37 18.06
N GLY B 230 -0.22 -1.77 18.00
CA GLY B 230 -0.21 -0.32 18.23
C GLY B 230 0.25 0.36 16.94
N CYS B 231 0.57 1.63 17.07
CA CYS B 231 1.06 2.42 15.94
C CYS B 231 2.20 3.28 16.47
N ASP B 232 3.35 3.24 15.81
CA ASP B 232 4.43 4.13 16.12
C ASP B 232 4.87 3.98 17.59
N ARG B 233 4.77 2.78 18.12
CA ARG B 233 5.29 2.48 19.46
C ARG B 233 6.79 2.25 19.43
N ASP B 234 7.49 2.79 20.42
CA ASP B 234 8.92 2.58 20.55
C ASP B 234 9.19 1.08 20.67
N GLY B 235 10.20 0.67 19.92
CA GLY B 235 10.60 -0.73 20.00
C GLY B 235 9.68 -1.67 19.24
N LYS B 236 8.63 -1.19 18.60
CA LYS B 236 7.76 -1.99 17.75
C LYS B 236 7.96 -1.57 16.29
N TYR B 237 7.51 -2.41 15.33
CA TYR B 237 7.79 -2.13 13.93
C TYR B 237 6.53 -2.46 13.14
N GLY B 238 6.28 -1.82 12.01
CA GLY B 238 5.14 -2.24 11.19
C GLY B 238 5.60 -3.42 10.33
N PHE B 239 4.66 -4.32 10.05
CA PHE B 239 4.87 -5.52 9.26
C PHE B 239 4.12 -5.44 7.94
N TYR B 240 4.83 -5.86 6.89
CA TYR B 240 4.44 -5.70 5.51
C TYR B 240 4.49 -7.05 4.81
N THR B 241 3.47 -7.26 3.99
CA THR B 241 3.45 -8.45 3.14
C THR B 241 4.59 -8.38 2.15
N HIS B 242 5.35 -9.47 2.04
CA HIS B 242 6.49 -9.43 1.10
C HIS B 242 6.01 -9.75 -0.30
N VAL B 243 5.81 -8.71 -1.12
CA VAL B 243 5.14 -8.90 -2.41
C VAL B 243 5.90 -9.83 -3.32
N PHE B 244 7.23 -9.76 -3.37
CA PHE B 244 7.98 -10.60 -4.32
C PHE B 244 7.79 -12.08 -3.93
N ARG B 245 7.71 -12.37 -2.64
CA ARG B 245 7.57 -13.77 -2.22
C ARG B 245 6.25 -14.38 -2.64
N LEU B 246 5.26 -13.53 -2.95
CA LEU B 246 3.95 -14.05 -3.36
C LEU B 246 3.65 -13.75 -4.82
N LYS B 247 4.68 -13.37 -5.60
CA LYS B 247 4.44 -12.99 -6.98
C LYS B 247 3.97 -14.16 -7.86
N LYS B 248 4.39 -15.38 -7.54
CA LYS B 248 3.92 -16.53 -8.33
C LYS B 248 2.41 -16.58 -8.27
N TRP B 249 1.84 -16.47 -7.05
CA TRP B 249 0.39 -16.46 -6.94
C TRP B 249 -0.23 -15.27 -7.65
N ILE B 250 0.41 -14.08 -7.56
CA ILE B 250 -0.20 -12.96 -8.27
C ILE B 250 -0.32 -13.21 -9.77
N GLN B 251 0.77 -13.75 -10.29
CA GLN B 251 0.85 -13.92 -11.75
C GLN B 251 -0.13 -14.99 -12.24
N LYS B 252 -0.18 -16.08 -11.48
CA LYS B 252 -1.15 -17.14 -11.75
C LYS B 252 -2.56 -16.55 -11.85
N VAL B 253 -2.96 -15.79 -10.82
CA VAL B 253 -4.31 -15.24 -10.82
C VAL B 253 -4.55 -14.38 -12.04
N ILE B 254 -3.56 -13.52 -12.29
CA ILE B 254 -3.84 -12.56 -13.36
C ILE B 254 -3.87 -13.30 -14.69
N ASP B 255 -2.93 -14.20 -14.87
CA ASP B 255 -2.83 -15.07 -16.03
C ASP B 255 -4.06 -15.94 -16.26
N GLN B 256 -4.70 -16.37 -15.19
CA GLN B 256 -5.88 -17.23 -15.20
C GLN B 256 -7.19 -16.47 -15.30
N PHE B 257 -7.23 -15.21 -14.84
CA PHE B 257 -8.54 -14.55 -14.90
C PHE B 257 -8.48 -13.21 -15.63
N GLY B 258 -7.31 -12.88 -16.16
CA GLY B 258 -7.07 -11.72 -17.00
C GLY B 258 -6.86 -10.44 -16.17
N ASP C 2 -18.40 11.64 7.69
CA ASP C 2 -17.58 12.79 7.29
C ASP C 2 -17.28 12.75 5.80
N PHE C 3 -17.84 11.75 5.14
CA PHE C 3 -17.54 11.55 3.73
C PHE C 3 -18.52 12.26 2.82
N GLU C 4 -18.00 13.06 1.90
CA GLU C 4 -18.90 13.69 0.93
C GLU C 4 -19.58 12.62 0.11
N GLU C 5 -20.89 12.81 -0.08
CA GLU C 5 -21.66 11.87 -0.89
C GLU C 5 -21.06 11.71 -2.26
N ILE C 6 -21.04 10.49 -2.79
CA ILE C 6 -20.55 10.27 -4.13
C ILE C 6 -21.73 10.18 -5.10
N PRO C 7 -21.46 10.42 -6.39
CA PRO C 7 -22.53 10.30 -7.39
C PRO C 7 -23.29 8.98 -7.29
N GLU C 8 -24.61 9.10 -7.27
CA GLU C 8 -25.54 7.99 -7.20
C GLU C 8 -25.15 6.87 -8.17
N GLU C 9 -24.68 7.29 -9.33
CA GLU C 9 -24.33 6.35 -10.39
C GLU C 9 -23.38 5.27 -9.90
#